data_7K4S
#
_entry.id   7K4S
#
_cell.length_a   50.470
_cell.length_b   68.220
_cell.length_c   73.210
_cell.angle_alpha   90.000
_cell.angle_beta   90.000
_cell.angle_gamma   90.000
#
_symmetry.space_group_name_H-M   'P 21 21 21'
#
loop_
_entity.id
_entity.type
_entity.pdbx_description
1 polymer Endo-1,4-beta-xylanase
2 non-polymer 'SULFATE ION'
3 water water
#
_entity_poly.entity_id   1
_entity_poly.type   'polypeptide(L)'
_entity_poly.pdbx_seq_one_letter_code
;GSGMAEAAQSIDQLIKARGKVYFGVATDQNRLTTGKNAAIIKADFGMVWPENSMQWDATEPSQGNFNFAGADYLVNWAQQ
NGKLIGGGCLVWHRHLPSWVSSITDKNTLTNVMKNHITTLMTRYKGKIRNWDVVGEAFNEDGSLRQTVFLNVIGEDYIPI
AFQTARAADPNAKLYIMDYNLDSASYPKTQAIVNRVKQWRAAGVPIDGIGSQTHLSAGQGAGVLQALPLLASAGTPEVSI
LMLDVAGASPTDYVNVVNACLNVQSCVGITVFGVADPDSWRASTTPLLFDGNFNPKPAYNAIVQDLQQ
;
_entity_poly.pdbx_strand_id   A
#
loop_
_chem_comp.id
_chem_comp.type
_chem_comp.name
_chem_comp.formula
SO4 non-polymer 'SULFATE ION' 'O4 S -2'
#
# COMPACT_ATOMS: atom_id res chain seq x y z
N ALA A 8 12.06 20.08 12.28
CA ALA A 8 11.27 21.26 12.57
C ALA A 8 9.86 20.89 13.00
N GLN A 9 9.12 20.23 12.11
CA GLN A 9 7.76 19.81 12.39
C GLN A 9 7.47 18.46 11.74
N SER A 10 6.58 17.71 12.35
CA SER A 10 6.21 16.38 11.87
C SER A 10 5.08 16.50 10.85
N ILE A 11 5.33 16.01 9.64
CA ILE A 11 4.29 16.03 8.62
C ILE A 11 3.12 15.15 9.04
N ASP A 12 3.37 14.13 9.86
CA ASP A 12 2.28 13.28 10.34
C ASP A 12 1.36 14.05 11.27
N GLN A 13 1.93 14.75 12.25
CA GLN A 13 1.11 15.55 13.15
C GLN A 13 0.39 16.66 12.40
N LEU A 14 1.01 17.18 11.33
CA LEU A 14 0.41 18.28 10.59
C LEU A 14 -0.76 17.81 9.73
N ILE A 15 -0.66 16.62 9.14
CA ILE A 15 -1.76 16.12 8.34
C ILE A 15 -2.93 15.73 9.23
N LYS A 16 -2.65 15.27 10.46
CA LYS A 16 -3.72 15.00 11.41
C LYS A 16 -4.44 16.27 11.81
N ALA A 17 -3.72 17.39 11.89
CA ALA A 17 -4.35 18.67 12.17
C ALA A 17 -5.23 19.14 11.02
N ARG A 18 -5.11 18.55 9.84
CA ARG A 18 -5.94 18.90 8.70
C ARG A 18 -7.09 17.92 8.50
N GLY A 19 -7.26 16.95 9.40
CA GLY A 19 -8.38 16.03 9.36
C GLY A 19 -8.08 14.67 8.77
N LYS A 20 -6.83 14.40 8.41
CA LYS A 20 -6.46 13.09 7.88
C LYS A 20 -5.99 12.17 9.01
N VAL A 21 -5.79 10.90 8.66
CA VAL A 21 -5.56 9.87 9.67
C VAL A 21 -4.07 9.66 9.91
N TYR A 22 -3.23 9.74 8.88
CA TYR A 22 -1.83 9.40 9.06
C TYR A 22 -1.00 9.91 7.89
N PHE A 23 0.31 10.00 8.14
CA PHE A 23 1.33 10.08 7.10
C PHE A 23 2.31 8.94 7.39
N GLY A 24 2.33 7.92 6.53
CA GLY A 24 3.02 6.69 6.79
C GLY A 24 4.29 6.51 5.97
N VAL A 25 4.99 5.41 6.27
CA VAL A 25 6.26 5.09 5.62
C VAL A 25 6.47 3.59 5.68
N ALA A 26 7.12 3.04 4.65
CA ALA A 26 7.47 1.63 4.62
C ALA A 26 8.85 1.41 5.23
N THR A 27 9.01 0.30 5.94
CA THR A 27 10.25 -0.01 6.64
C THR A 27 10.21 -1.49 7.03
N ASP A 28 11.19 -1.91 7.84
CA ASP A 28 11.29 -3.29 8.30
C ASP A 28 12.39 -3.36 9.34
N GLN A 29 12.56 -4.56 9.92
CA GLN A 29 13.54 -4.75 10.98
C GLN A 29 14.93 -4.27 10.57
N ASN A 30 15.36 -4.61 9.35
CA ASN A 30 16.72 -4.27 8.92
C ASN A 30 16.94 -2.77 8.82
N ARG A 31 15.87 -1.99 8.62
CA ARG A 31 16.01 -0.54 8.58
C ARG A 31 16.04 0.05 9.99
N LEU A 32 15.23 -0.50 10.90
CA LEU A 32 15.11 0.06 12.24
C LEU A 32 16.33 -0.22 13.10
N THR A 33 17.17 -1.18 12.73
CA THR A 33 18.32 -1.57 13.52
C THR A 33 19.60 -0.86 13.10
N THR A 34 19.52 0.12 12.19
CA THR A 34 20.71 0.79 11.70
C THR A 34 20.35 2.18 11.23
N GLY A 35 21.36 3.06 11.20
CA GLY A 35 21.16 4.41 10.72
C GLY A 35 20.29 5.23 11.66
N LYS A 36 19.61 6.22 11.07
CA LYS A 36 18.70 7.10 11.80
C LYS A 36 17.24 6.82 11.49
N ASN A 37 16.94 5.68 10.88
CA ASN A 37 15.58 5.39 10.45
C ASN A 37 14.60 5.44 11.63
N ALA A 38 14.89 4.69 12.70
CA ALA A 38 13.97 4.62 13.81
C ALA A 38 13.70 5.99 14.41
N ALA A 39 14.73 6.85 14.47
CA ALA A 39 14.54 8.17 15.06
C ALA A 39 13.65 9.06 14.20
N ILE A 40 13.79 8.97 12.87
CA ILE A 40 13.00 9.81 11.99
C ILE A 40 11.56 9.34 11.95
N ILE A 41 11.35 8.02 11.86
CA ILE A 41 9.98 7.49 11.84
C ILE A 41 9.26 7.86 13.12
N LYS A 42 9.94 7.74 14.26
CA LYS A 42 9.34 8.10 15.54
C LYS A 42 8.86 9.55 15.54
N ALA A 43 9.65 10.45 14.93
CA ALA A 43 9.40 11.87 15.04
C ALA A 43 8.41 12.40 14.00
N ASP A 44 8.45 11.87 12.78
CA ASP A 44 7.78 12.50 11.65
C ASP A 44 6.68 11.68 11.01
N PHE A 45 6.52 10.40 11.38
CA PHE A 45 5.53 9.54 10.76
C PHE A 45 4.65 8.91 11.83
N GLY A 46 3.47 8.45 11.42
CA GLY A 46 2.49 7.92 12.34
C GLY A 46 1.96 6.55 11.97
N MET A 47 2.50 5.95 10.91
CA MET A 47 2.09 4.62 10.48
C MET A 47 3.25 3.98 9.73
N VAL A 48 3.39 2.67 9.89
CA VAL A 48 4.47 1.92 9.26
C VAL A 48 3.90 0.76 8.46
N TRP A 49 4.60 0.40 7.39
CA TRP A 49 4.25 -0.73 6.53
C TRP A 49 5.47 -1.62 6.35
N PRO A 50 5.29 -2.95 6.32
CA PRO A 50 6.44 -3.84 6.11
C PRO A 50 6.80 -3.95 4.64
N GLU A 51 8.08 -3.78 4.34
CA GLU A 51 8.53 -3.91 2.95
C GLU A 51 8.54 -5.36 2.49
N ASN A 52 9.00 -6.27 3.35
CA ASN A 52 9.18 -7.67 2.96
C ASN A 52 8.64 -8.66 3.99
N SER A 53 8.62 -8.27 5.27
CA SER A 53 8.39 -9.25 6.33
C SER A 53 7.00 -9.88 6.31
N MET A 54 6.05 -9.33 5.54
CA MET A 54 4.70 -9.88 5.49
C MET A 54 4.34 -10.40 4.11
N GLN A 55 5.29 -10.43 3.16
CA GLN A 55 5.03 -11.02 1.86
C GLN A 55 4.92 -12.55 1.99
N TRP A 56 4.43 -13.17 0.92
CA TRP A 56 4.17 -14.62 0.95
C TRP A 56 5.46 -15.40 1.19
N ASP A 57 6.53 -15.04 0.50
CA ASP A 57 7.77 -15.81 0.62
C ASP A 57 8.35 -15.73 2.03
N ALA A 58 8.11 -14.63 2.73
CA ALA A 58 8.65 -14.48 4.07
C ALA A 58 7.82 -15.22 5.12
N THR A 59 6.51 -15.30 4.92
CA THR A 59 5.62 -15.86 5.94
C THR A 59 5.26 -17.31 5.71
N GLU A 60 5.33 -17.82 4.48
CA GLU A 60 4.99 -19.21 4.17
C GLU A 60 5.92 -19.72 3.08
N PRO A 61 7.19 -19.96 3.40
CA PRO A 61 8.12 -20.51 2.39
C PRO A 61 7.86 -21.97 2.07
N SER A 62 7.09 -22.67 2.89
CA SER A 62 6.68 -24.05 2.61
C SER A 62 5.19 -24.17 2.93
N GLN A 63 4.52 -25.03 2.19
CA GLN A 63 3.07 -25.15 2.34
C GLN A 63 2.70 -25.52 3.77
N GLY A 64 1.92 -24.66 4.41
CA GLY A 64 1.41 -24.91 5.75
C GLY A 64 2.37 -24.61 6.88
N ASN A 65 3.60 -24.16 6.59
CA ASN A 65 4.59 -23.86 7.60
C ASN A 65 4.84 -22.36 7.59
N PHE A 66 4.36 -21.67 8.62
CA PHE A 66 4.41 -20.22 8.67
C PHE A 66 5.51 -19.74 9.60
N ASN A 67 5.97 -18.51 9.34
CA ASN A 67 6.98 -17.85 10.16
C ASN A 67 6.67 -16.35 10.19
N PHE A 68 6.99 -15.72 11.31
CA PHE A 68 6.67 -14.31 11.53
C PHE A 68 7.80 -13.60 12.25
N ALA A 69 9.05 -13.94 11.90
CA ALA A 69 10.19 -13.32 12.56
C ALA A 69 10.20 -11.81 12.33
N GLY A 70 10.25 -11.39 11.07
CA GLY A 70 10.27 -9.96 10.78
C GLY A 70 8.95 -9.27 11.05
N ALA A 71 7.83 -9.98 10.83
CA ALA A 71 6.52 -9.36 11.03
C ALA A 71 6.28 -9.05 12.50
N ASP A 72 6.57 -10.00 13.39
CA ASP A 72 6.41 -9.74 14.81
C ASP A 72 7.28 -8.56 15.26
N TYR A 73 8.48 -8.43 14.69
CA TYR A 73 9.38 -7.36 15.10
C TYR A 73 8.79 -6.00 14.77
N LEU A 74 8.26 -5.84 13.56
CA LEU A 74 7.74 -4.54 13.14
C LEU A 74 6.45 -4.21 13.89
N VAL A 75 5.55 -5.19 14.05
CA VAL A 75 4.32 -4.95 14.80
C VAL A 75 4.63 -4.53 16.23
N ASN A 76 5.58 -5.21 16.88
CA ASN A 76 5.94 -4.84 18.24
C ASN A 76 6.54 -3.45 18.30
N TRP A 77 7.47 -3.15 17.39
CA TRP A 77 8.08 -1.82 17.37
C TRP A 77 7.02 -0.74 17.21
N ALA A 78 6.06 -0.96 16.31
CA ALA A 78 5.00 0.02 16.11
C ALA A 78 4.22 0.26 17.39
N GLN A 79 3.87 -0.81 18.11
CA GLN A 79 3.10 -0.67 19.33
C GLN A 79 3.90 0.02 20.43
N GLN A 80 5.18 -0.34 20.56
CA GLN A 80 6.02 0.29 21.57
C GLN A 80 6.22 1.78 21.30
N ASN A 81 6.08 2.21 20.05
CA ASN A 81 6.34 3.59 19.66
C ASN A 81 5.08 4.32 19.19
N GLY A 82 3.91 3.75 19.43
CA GLY A 82 2.65 4.45 19.16
C GLY A 82 2.37 4.73 17.70
N LYS A 83 2.71 3.80 16.81
CA LYS A 83 2.47 3.95 15.38
C LYS A 83 1.39 2.97 14.91
N LEU A 84 0.65 3.39 13.90
CA LEU A 84 -0.30 2.49 13.25
C LEU A 84 0.43 1.53 12.32
N ILE A 85 -0.23 0.42 12.00
CA ILE A 85 0.36 -0.65 11.21
C ILE A 85 -0.52 -0.95 10.02
N GLY A 86 0.12 -1.14 8.85
CA GLY A 86 -0.55 -1.68 7.68
C GLY A 86 0.17 -2.93 7.21
N GLY A 87 -0.60 -3.86 6.66
CA GLY A 87 -0.05 -5.14 6.25
C GLY A 87 -0.29 -5.49 4.79
N GLY A 88 0.54 -6.35 4.25
CA GLY A 88 0.38 -6.79 2.87
C GLY A 88 1.73 -7.21 2.30
N CYS A 89 1.69 -7.70 1.05
CA CYS A 89 0.46 -7.93 0.27
C CYS A 89 0.09 -9.41 0.32
N LEU A 90 -1.20 -9.70 0.54
CA LEU A 90 -1.62 -11.08 0.79
C LEU A 90 -1.67 -11.90 -0.49
N VAL A 91 -2.26 -11.35 -1.54
CA VAL A 91 -2.43 -12.06 -2.81
C VAL A 91 -1.81 -11.19 -3.91
N TRP A 92 -0.68 -11.64 -4.44
N TRP A 92 -0.64 -11.57 -4.39
CA TRP A 92 0.16 -10.85 -5.33
CA TRP A 92 -0.09 -10.91 -5.56
C TRP A 92 1.13 -11.79 -6.04
C TRP A 92 1.10 -11.72 -6.05
N HIS A 93 1.44 -11.50 -7.32
CA HIS A 93 2.38 -12.34 -8.04
C HIS A 93 3.84 -12.04 -7.74
N ARG A 94 4.13 -10.98 -6.99
CA ARG A 94 5.49 -10.68 -6.59
C ARG A 94 5.78 -11.27 -5.21
N HIS A 95 7.04 -11.65 -5.00
CA HIS A 95 7.45 -12.28 -3.75
C HIS A 95 6.59 -13.50 -3.45
N LEU A 96 6.23 -14.23 -4.50
CA LEU A 96 5.40 -15.42 -4.38
C LEU A 96 6.27 -16.66 -4.54
N PRO A 97 6.33 -17.55 -3.54
CA PRO A 97 7.17 -18.75 -3.68
C PRO A 97 6.78 -19.55 -4.91
N SER A 98 7.78 -20.20 -5.51
CA SER A 98 7.54 -20.99 -6.70
C SER A 98 6.61 -22.17 -6.43
N TRP A 99 6.50 -22.62 -5.17
CA TRP A 99 5.60 -23.74 -4.88
C TRP A 99 4.14 -23.34 -4.98
N VAL A 100 3.82 -22.05 -4.82
CA VAL A 100 2.45 -21.61 -5.06
C VAL A 100 2.18 -21.48 -6.55
N SER A 101 3.13 -20.89 -7.30
CA SER A 101 2.95 -20.74 -8.73
C SER A 101 2.90 -22.07 -9.46
N SER A 102 3.44 -23.15 -8.87
CA SER A 102 3.44 -24.44 -9.54
CA SER A 102 3.44 -24.45 -9.53
C SER A 102 2.11 -25.17 -9.39
N ILE A 103 1.26 -24.75 -8.46
CA ILE A 103 -0.05 -25.38 -8.31
C ILE A 103 -0.88 -25.11 -9.56
N THR A 104 -1.55 -26.16 -10.05
CA THR A 104 -2.22 -26.10 -11.34
C THR A 104 -3.73 -26.33 -11.28
N ASP A 105 -4.29 -26.71 -10.13
CA ASP A 105 -5.69 -27.05 -10.03
C ASP A 105 -6.43 -26.07 -9.12
N LYS A 106 -7.69 -25.84 -9.45
CA LYS A 106 -8.47 -24.76 -8.83
C LYS A 106 -8.56 -24.93 -7.32
N ASN A 107 -9.10 -26.06 -6.86
CA ASN A 107 -9.42 -26.20 -5.44
C ASN A 107 -8.19 -26.13 -4.57
N THR A 108 -7.08 -26.73 -5.01
CA THR A 108 -5.87 -26.71 -4.19
C THR A 108 -5.37 -25.29 -4.00
N LEU A 109 -5.34 -24.50 -5.08
CA LEU A 109 -4.85 -23.13 -4.95
C LEU A 109 -5.81 -22.25 -4.16
N THR A 110 -7.12 -22.51 -4.29
CA THR A 110 -8.11 -21.75 -3.51
C THR A 110 -7.89 -21.97 -2.02
N ASN A 111 -7.80 -23.23 -1.60
N ASN A 111 -7.80 -23.23 -1.60
CA ASN A 111 -7.60 -23.52 -0.17
CA ASN A 111 -7.59 -23.53 -0.17
C ASN A 111 -6.27 -22.96 0.32
C ASN A 111 -6.27 -22.95 0.31
N VAL A 112 -5.21 -23.06 -0.50
CA VAL A 112 -3.92 -22.50 -0.12
C VAL A 112 -4.04 -20.99 0.03
N MET A 113 -4.71 -20.32 -0.92
CA MET A 113 -4.86 -18.88 -0.85
C MET A 113 -5.67 -18.48 0.39
N LYS A 114 -6.76 -19.19 0.66
CA LYS A 114 -7.59 -18.88 1.82
C LYS A 114 -6.81 -19.08 3.12
N ASN A 115 -6.07 -20.20 3.22
CA ASN A 115 -5.33 -20.48 4.44
C ASN A 115 -4.24 -19.44 4.70
N HIS A 116 -3.63 -18.92 3.63
CA HIS A 116 -2.61 -17.89 3.80
C HIS A 116 -3.21 -16.59 4.30
N ILE A 117 -4.37 -16.20 3.78
CA ILE A 117 -5.03 -14.97 4.21
C ILE A 117 -5.44 -15.08 5.67
N THR A 118 -6.08 -16.19 6.03
CA THR A 118 -6.63 -16.33 7.38
C THR A 118 -5.53 -16.40 8.43
N THR A 119 -4.44 -17.11 8.15
CA THR A 119 -3.40 -17.28 9.14
C THR A 119 -2.73 -15.95 9.48
N LEU A 120 -2.39 -15.17 8.45
CA LEU A 120 -1.68 -13.91 8.69
C LEU A 120 -2.58 -12.90 9.38
N MET A 121 -3.82 -12.75 8.90
CA MET A 121 -4.71 -11.76 9.50
C MET A 121 -5.16 -12.17 10.90
N THR A 122 -5.29 -13.47 11.16
CA THR A 122 -5.72 -13.92 12.47
C THR A 122 -4.65 -13.64 13.52
N ARG A 123 -3.38 -13.76 13.15
CA ARG A 123 -2.31 -13.59 14.13
C ARG A 123 -2.36 -12.20 14.77
N TYR A 124 -2.66 -11.18 13.98
CA TYR A 124 -2.69 -9.80 14.46
C TYR A 124 -4.12 -9.23 14.47
N LYS A 125 -5.10 -10.08 14.76
CA LYS A 125 -6.50 -9.66 14.69
C LYS A 125 -6.74 -8.47 15.62
N GLY A 126 -7.32 -7.40 15.06
CA GLY A 126 -7.67 -6.23 15.81
C GLY A 126 -6.56 -5.21 15.99
N LYS A 127 -5.36 -5.49 15.47
CA LYS A 127 -4.21 -4.63 15.67
C LYS A 127 -3.76 -3.90 14.42
N ILE A 128 -4.29 -4.24 13.25
CA ILE A 128 -3.87 -3.67 11.97
C ILE A 128 -5.01 -2.86 11.39
N ARG A 129 -4.70 -1.67 10.89
CA ARG A 129 -5.74 -0.81 10.33
C ARG A 129 -6.03 -1.18 8.88
N ASN A 130 -4.99 -1.29 8.05
CA ASN A 130 -5.12 -1.57 6.63
C ASN A 130 -4.48 -2.90 6.30
N TRP A 131 -5.16 -3.68 5.46
CA TRP A 131 -4.60 -4.88 4.86
C TRP A 131 -4.70 -4.74 3.35
N ASP A 132 -3.57 -4.79 2.66
CA ASP A 132 -3.57 -4.87 1.20
C ASP A 132 -3.84 -6.32 0.81
N VAL A 133 -5.08 -6.59 0.39
CA VAL A 133 -5.50 -7.96 0.17
C VAL A 133 -5.08 -8.44 -1.22
N VAL A 134 -5.26 -7.61 -2.25
CA VAL A 134 -4.93 -7.96 -3.62
C VAL A 134 -4.12 -6.82 -4.21
N GLY A 135 -3.00 -7.15 -4.85
CA GLY A 135 -2.12 -6.14 -5.43
C GLY A 135 -1.80 -6.43 -6.88
N GLU A 136 -1.71 -5.36 -7.67
CA GLU A 136 -1.26 -5.41 -9.06
C GLU A 136 -2.03 -6.46 -9.85
N ALA A 137 -3.36 -6.39 -9.78
CA ALA A 137 -4.23 -7.36 -10.42
C ALA A 137 -4.64 -6.96 -11.83
N PHE A 138 -4.22 -5.78 -12.31
CA PHE A 138 -4.67 -5.25 -13.59
C PHE A 138 -3.49 -5.08 -14.54
N ASN A 139 -3.75 -5.32 -15.82
CA ASN A 139 -2.81 -4.97 -16.88
C ASN A 139 -3.00 -3.50 -17.26
N GLU A 140 -2.06 -2.99 -18.06
CA GLU A 140 -2.10 -1.57 -18.42
C GLU A 140 -3.32 -1.23 -19.26
N ASP A 141 -3.84 -2.19 -20.03
CA ASP A 141 -4.99 -1.93 -20.88
C ASP A 141 -6.31 -2.00 -20.12
N GLY A 142 -6.30 -2.44 -18.86
CA GLY A 142 -7.50 -2.56 -18.06
C GLY A 142 -7.95 -3.98 -17.82
N SER A 143 -7.48 -4.93 -18.63
CA SER A 143 -7.78 -6.33 -18.38
C SER A 143 -7.03 -6.81 -17.14
N LEU A 144 -7.43 -7.98 -16.64
CA LEU A 144 -6.84 -8.53 -15.43
C LEU A 144 -5.53 -9.25 -15.74
N ARG A 145 -4.52 -8.99 -14.91
CA ARG A 145 -3.21 -9.62 -15.09
C ARG A 145 -3.32 -11.14 -15.03
N GLN A 146 -2.66 -11.81 -15.97
N GLN A 146 -2.66 -11.81 -15.97
CA GLN A 146 -2.72 -13.27 -16.07
CA GLN A 146 -2.72 -13.26 -16.08
C GLN A 146 -1.73 -13.91 -15.09
C GLN A 146 -1.73 -13.91 -15.09
N THR A 147 -2.07 -13.82 -13.82
CA THR A 147 -1.30 -14.45 -12.77
C THR A 147 -1.78 -15.88 -12.55
N VAL A 148 -1.04 -16.63 -11.73
CA VAL A 148 -1.43 -18.01 -11.42
C VAL A 148 -2.82 -18.03 -10.81
N PHE A 149 -3.17 -17.02 -10.01
CA PHE A 149 -4.48 -16.99 -9.38
C PHE A 149 -5.58 -16.84 -10.42
N LEU A 150 -5.39 -15.95 -11.40
CA LEU A 150 -6.40 -15.76 -12.43
C LEU A 150 -6.46 -16.96 -13.37
N ASN A 151 -5.30 -17.54 -13.69
CA ASN A 151 -5.28 -18.66 -14.64
C ASN A 151 -5.82 -19.93 -14.02
N VAL A 152 -5.59 -20.15 -12.73
CA VAL A 152 -5.97 -21.40 -12.07
C VAL A 152 -7.36 -21.27 -11.44
N ILE A 153 -7.52 -20.29 -10.55
CA ILE A 153 -8.80 -20.12 -9.86
C ILE A 153 -9.82 -19.47 -10.78
N GLY A 154 -9.40 -18.49 -11.57
CA GLY A 154 -10.31 -17.71 -12.40
C GLY A 154 -10.60 -16.36 -11.79
N GLU A 155 -11.48 -15.63 -12.48
CA GLU A 155 -11.84 -14.27 -12.06
C GLU A 155 -12.36 -14.24 -10.62
N ASP A 156 -12.88 -15.35 -10.12
CA ASP A 156 -13.49 -15.39 -8.79
C ASP A 156 -12.48 -15.33 -7.66
N TYR A 157 -11.18 -15.29 -7.96
CA TYR A 157 -10.20 -15.32 -6.87
C TYR A 157 -10.18 -14.01 -6.10
N ILE A 158 -10.56 -12.90 -6.72
CA ILE A 158 -10.58 -11.61 -6.05
C ILE A 158 -11.76 -11.58 -5.08
N PRO A 159 -12.97 -11.96 -5.50
CA PRO A 159 -14.06 -12.12 -4.52
C PRO A 159 -13.71 -13.04 -3.36
N ILE A 160 -13.10 -14.19 -3.63
CA ILE A 160 -12.78 -15.13 -2.56
C ILE A 160 -11.80 -14.53 -1.59
N ALA A 161 -10.78 -13.82 -2.09
CA ALA A 161 -9.77 -13.25 -1.21
C ALA A 161 -10.38 -12.26 -0.22
N PHE A 162 -11.23 -11.36 -0.72
CA PHE A 162 -11.78 -10.33 0.14
C PHE A 162 -12.78 -10.89 1.15
N GLN A 163 -13.62 -11.83 0.72
N GLN A 163 -13.62 -11.82 0.72
CA GLN A 163 -14.57 -12.43 1.65
CA GLN A 163 -14.57 -12.43 1.64
C GLN A 163 -13.85 -13.18 2.76
C GLN A 163 -13.84 -13.17 2.75
N THR A 164 -12.73 -13.83 2.42
CA THR A 164 -11.97 -14.54 3.44
C THR A 164 -11.28 -13.57 4.39
N ALA A 165 -10.76 -12.47 3.86
CA ALA A 165 -10.10 -11.48 4.72
C ALA A 165 -11.09 -10.85 5.68
N ARG A 166 -12.29 -10.52 5.20
CA ARG A 166 -13.29 -9.90 6.06
C ARG A 166 -13.64 -10.79 7.25
N ALA A 167 -13.71 -12.11 7.01
CA ALA A 167 -14.03 -13.03 8.10
C ALA A 167 -12.88 -13.14 9.09
N ALA A 168 -11.64 -13.01 8.63
CA ALA A 168 -10.50 -13.19 9.52
C ALA A 168 -10.36 -12.03 10.50
N ASP A 169 -10.62 -10.80 10.04
CA ASP A 169 -10.52 -9.62 10.90
C ASP A 169 -11.49 -8.56 10.39
N PRO A 170 -12.74 -8.60 10.85
CA PRO A 170 -13.71 -7.59 10.39
C PRO A 170 -13.35 -6.15 10.75
N ASN A 171 -12.38 -5.94 11.64
CA ASN A 171 -12.02 -4.59 12.06
C ASN A 171 -11.04 -3.91 11.11
N ALA A 172 -10.43 -4.65 10.20
CA ALA A 172 -9.43 -4.09 9.31
C ALA A 172 -10.06 -3.58 8.02
N LYS A 173 -9.48 -2.52 7.48
N LYS A 173 -9.48 -2.52 7.48
CA LYS A 173 -9.90 -1.96 6.20
CA LYS A 173 -9.91 -1.96 6.20
C LYS A 173 -9.23 -2.73 5.08
C LYS A 173 -9.22 -2.72 5.07
N LEU A 174 -10.02 -3.33 4.20
CA LEU A 174 -9.51 -4.18 3.13
C LEU A 174 -9.30 -3.37 1.86
N TYR A 175 -8.07 -3.39 1.34
CA TYR A 175 -7.68 -2.58 0.21
C TYR A 175 -7.28 -3.45 -0.98
N ILE A 176 -7.57 -2.95 -2.18
CA ILE A 176 -6.93 -3.38 -3.41
C ILE A 176 -5.98 -2.27 -3.84
N MET A 177 -4.81 -2.65 -4.36
N MET A 177 -4.82 -2.64 -4.36
CA MET A 177 -3.77 -1.69 -4.69
CA MET A 177 -3.80 -1.66 -4.70
C MET A 177 -3.23 -1.98 -6.09
C MET A 177 -3.21 -1.98 -6.07
N ASP A 178 -2.71 -0.94 -6.72
CA ASP A 178 -2.09 -1.06 -8.04
C ASP A 178 -1.33 0.21 -8.34
N TYR A 179 -0.45 0.14 -9.33
CA TYR A 179 0.37 1.26 -9.77
C TYR A 179 -0.12 1.77 -11.12
N ASN A 180 0.44 2.91 -11.53
CA ASN A 180 0.09 3.56 -12.79
C ASN A 180 -1.39 3.97 -12.82
N LEU A 181 -1.93 4.36 -11.67
CA LEU A 181 -3.26 4.96 -11.56
C LEU A 181 -3.16 6.46 -11.34
N ASP A 182 -2.26 7.13 -12.06
CA ASP A 182 -1.90 8.50 -11.78
C ASP A 182 -2.47 9.50 -12.77
N SER A 183 -3.25 9.05 -13.75
CA SER A 183 -3.91 9.95 -14.69
C SER A 183 -5.33 9.47 -14.92
N ALA A 184 -6.28 10.41 -14.88
CA ALA A 184 -7.69 10.04 -15.05
C ALA A 184 -8.00 9.58 -16.47
N SER A 185 -7.15 9.90 -17.44
CA SER A 185 -7.35 9.50 -18.82
C SER A 185 -6.66 8.18 -19.15
N TYR A 186 -6.09 7.49 -18.15
CA TYR A 186 -5.39 6.24 -18.40
C TYR A 186 -6.36 5.07 -18.35
N PRO A 187 -6.34 4.17 -19.34
CA PRO A 187 -7.31 3.06 -19.32
C PRO A 187 -7.26 2.24 -18.05
N LYS A 188 -6.09 2.10 -17.43
CA LYS A 188 -5.98 1.30 -16.22
C LYS A 188 -6.73 1.94 -15.07
N THR A 189 -6.65 3.27 -14.94
CA THR A 189 -7.39 3.97 -13.89
C THR A 189 -8.89 3.80 -14.06
N GLN A 190 -9.38 3.97 -15.30
CA GLN A 190 -10.81 3.83 -15.54
C GLN A 190 -11.27 2.39 -15.33
N ALA A 191 -10.41 1.41 -15.62
CA ALA A 191 -10.81 0.02 -15.52
C ALA A 191 -11.00 -0.39 -14.06
N ILE A 192 -10.04 -0.05 -13.19
CA ILE A 192 -10.15 -0.45 -11.80
C ILE A 192 -11.38 0.18 -11.15
N VAL A 193 -11.75 1.39 -11.58
CA VAL A 193 -12.95 2.03 -11.05
C VAL A 193 -14.18 1.21 -11.43
N ASN A 194 -14.30 0.86 -12.70
CA ASN A 194 -15.46 0.11 -13.15
C ASN A 194 -15.56 -1.24 -12.47
N ARG A 195 -14.44 -1.95 -12.34
CA ARG A 195 -14.49 -3.30 -11.76
C ARG A 195 -14.80 -3.23 -10.27
N VAL A 196 -14.23 -2.27 -9.55
CA VAL A 196 -14.49 -2.17 -8.12
C VAL A 196 -15.96 -1.86 -7.87
N LYS A 197 -16.57 -1.04 -8.73
CA LYS A 197 -17.99 -0.77 -8.58
C LYS A 197 -18.82 -2.03 -8.77
N GLN A 198 -18.50 -2.82 -9.80
CA GLN A 198 -19.23 -4.06 -10.05
C GLN A 198 -18.98 -5.08 -8.95
N TRP A 199 -17.74 -5.13 -8.43
CA TRP A 199 -17.42 -6.08 -7.38
C TRP A 199 -18.21 -5.81 -6.11
N ARG A 200 -18.29 -4.53 -5.71
CA ARG A 200 -19.00 -4.19 -4.48
C ARG A 200 -20.50 -4.44 -4.63
N ALA A 201 -21.07 -4.13 -5.79
CA ALA A 201 -22.47 -4.46 -6.04
C ALA A 201 -22.71 -5.95 -6.02
N ALA A 202 -21.66 -6.75 -6.22
CA ALA A 202 -21.75 -8.21 -6.15
C ALA A 202 -21.46 -8.76 -4.77
N GLY A 203 -21.21 -7.90 -3.78
CA GLY A 203 -21.01 -8.32 -2.41
C GLY A 203 -19.56 -8.49 -1.99
N VAL A 204 -18.61 -8.07 -2.80
CA VAL A 204 -17.19 -8.18 -2.45
C VAL A 204 -16.86 -7.02 -1.51
N PRO A 205 -16.37 -7.28 -0.28
CA PRO A 205 -16.12 -6.18 0.68
C PRO A 205 -14.78 -5.47 0.49
N ILE A 206 -14.72 -4.61 -0.52
CA ILE A 206 -13.54 -3.81 -0.79
C ILE A 206 -13.71 -2.46 -0.09
N ASP A 207 -12.86 -2.18 0.88
CA ASP A 207 -12.97 -0.97 1.68
C ASP A 207 -12.23 0.21 1.08
N GLY A 208 -11.17 -0.03 0.32
CA GLY A 208 -10.40 1.07 -0.23
C GLY A 208 -9.63 0.69 -1.48
N ILE A 209 -9.19 1.71 -2.19
CA ILE A 209 -8.30 1.58 -3.34
C ILE A 209 -7.02 2.32 -3.01
N GLY A 210 -5.89 1.63 -3.17
CA GLY A 210 -4.59 2.23 -2.90
C GLY A 210 -3.75 2.40 -4.14
N SER A 211 -3.42 3.65 -4.47
N SER A 211 -3.42 3.65 -4.47
CA SER A 211 -2.67 3.97 -5.68
CA SER A 211 -2.56 3.95 -5.61
C SER A 211 -1.18 3.95 -5.37
C SER A 211 -1.12 4.06 -5.13
N GLN A 212 -0.48 2.94 -5.88
N GLN A 212 -0.25 3.17 -5.62
CA GLN A 212 0.97 2.87 -5.75
CA GLN A 212 1.14 3.15 -5.18
C GLN A 212 1.61 3.96 -6.60
C GLN A 212 1.79 4.52 -5.37
N THR A 213 1.81 5.14 -6.00
N THR A 213 1.62 5.11 -6.56
CA THR A 213 2.17 6.35 -6.74
CA THR A 213 2.15 6.44 -6.85
C THR A 213 3.69 6.40 -6.90
C THR A 213 3.67 6.44 -6.93
N HIS A 214 4.20 5.76 -7.95
CA HIS A 214 5.62 5.79 -8.29
C HIS A 214 5.76 6.73 -9.49
N LEU A 215 6.12 7.98 -9.21
CA LEU A 215 6.07 9.03 -10.21
C LEU A 215 7.46 9.37 -10.74
N SER A 216 7.50 9.84 -11.98
CA SER A 216 8.64 10.54 -12.53
C SER A 216 8.38 12.04 -12.47
N ALA A 217 9.41 12.82 -12.81
CA ALA A 217 9.32 14.27 -12.70
C ALA A 217 8.15 14.81 -13.52
N GLY A 218 7.29 15.59 -12.87
CA GLY A 218 6.20 16.27 -13.52
C GLY A 218 4.87 15.55 -13.49
N GLN A 219 4.81 14.32 -12.99
CA GLN A 219 3.59 13.53 -12.98
C GLN A 219 2.71 13.81 -11.78
N GLY A 220 3.09 14.74 -10.90
CA GLY A 220 2.29 15.01 -9.72
C GLY A 220 0.95 15.68 -10.05
N ALA A 221 0.95 16.55 -11.06
CA ALA A 221 -0.26 17.31 -11.36
C ALA A 221 -1.40 16.40 -11.81
N GLY A 222 -1.07 15.33 -12.55
CA GLY A 222 -2.09 14.41 -13.00
C GLY A 222 -2.85 13.73 -11.88
N VAL A 223 -2.24 13.62 -10.70
CA VAL A 223 -2.92 12.99 -9.58
C VAL A 223 -4.09 13.81 -9.08
N LEU A 224 -4.11 15.12 -9.36
CA LEU A 224 -5.20 15.97 -8.87
C LEU A 224 -6.54 15.52 -9.41
N GLN A 225 -6.58 15.00 -10.65
CA GLN A 225 -7.81 14.54 -11.26
C GLN A 225 -7.96 13.02 -11.25
N ALA A 226 -6.87 12.28 -11.05
CA ALA A 226 -6.94 10.83 -11.02
C ALA A 226 -7.48 10.32 -9.68
N LEU A 227 -7.08 10.94 -8.58
CA LEU A 227 -7.55 10.49 -7.27
C LEU A 227 -9.06 10.64 -7.12
N PRO A 228 -9.67 11.79 -7.41
CA PRO A 228 -11.14 11.85 -7.32
C PRO A 228 -11.85 10.85 -8.21
N LEU A 229 -11.27 10.50 -9.37
CA LEU A 229 -11.85 9.44 -10.18
C LEU A 229 -11.83 8.11 -9.43
N LEU A 230 -10.73 7.80 -8.77
CA LEU A 230 -10.66 6.57 -7.98
C LEU A 230 -11.70 6.58 -6.87
N ALA A 231 -11.96 7.75 -6.28
CA ALA A 231 -12.95 7.84 -5.21
C ALA A 231 -14.36 7.65 -5.71
N SER A 232 -14.61 7.82 -7.02
CA SER A 232 -15.96 7.63 -7.54
C SER A 232 -16.37 6.17 -7.57
N ALA A 233 -15.46 5.23 -7.29
CA ALA A 233 -15.81 3.82 -7.23
C ALA A 233 -16.74 3.48 -6.07
N GLY A 234 -16.87 4.38 -5.09
CA GLY A 234 -17.77 4.16 -3.98
C GLY A 234 -17.15 3.50 -2.77
N THR A 235 -15.86 3.24 -2.77
CA THR A 235 -15.23 2.63 -1.61
C THR A 235 -15.22 3.62 -0.45
N PRO A 236 -15.34 3.14 0.79
CA PRO A 236 -15.26 4.07 1.94
C PRO A 236 -13.98 4.87 1.98
N GLU A 237 -12.88 4.37 1.42
CA GLU A 237 -11.58 5.01 1.54
C GLU A 237 -10.79 4.91 0.24
N VAL A 238 -9.81 5.79 0.11
CA VAL A 238 -8.72 5.66 -0.86
C VAL A 238 -7.45 6.17 -0.17
N SER A 239 -6.30 5.89 -0.77
CA SER A 239 -5.03 6.28 -0.17
CA SER A 239 -5.03 6.28 -0.17
C SER A 239 -3.93 6.28 -1.22
N ILE A 240 -2.86 7.01 -0.90
N ILE A 240 -2.98 7.21 -1.03
CA ILE A 240 -1.65 7.06 -1.72
CA ILE A 240 -1.61 6.99 -1.48
C ILE A 240 -0.61 6.18 -1.05
C ILE A 240 -0.96 5.93 -0.63
N LEU A 241 -0.20 5.12 -1.73
N LEU A 241 -0.21 5.02 -1.28
CA LEU A 241 0.71 4.13 -1.18
CA LEU A 241 0.28 3.81 -0.63
C LEU A 241 2.06 4.16 -1.89
C LEU A 241 1.80 3.74 -0.57
N MET A 242 3.11 3.86 -1.15
N MET A 242 2.50 3.97 -1.68
CA MET A 242 4.46 3.69 -1.71
CA MET A 242 3.97 3.85 -1.73
C MET A 242 4.87 4.90 -2.54
C MET A 242 4.51 4.99 -2.59
N LEU A 243 4.61 6.09 -2.01
N LEU A 243 4.53 6.19 -2.01
CA LEU A 243 4.88 7.32 -2.76
CA LEU A 243 4.87 7.39 -2.76
C LEU A 243 6.39 7.56 -2.87
C LEU A 243 6.38 7.57 -2.86
N ASP A 244 6.84 7.87 -4.08
CA ASP A 244 8.22 8.26 -4.32
C ASP A 244 8.28 8.89 -5.70
N VAL A 245 9.05 9.96 -5.84
CA VAL A 245 9.06 10.77 -7.05
C VAL A 245 10.51 10.98 -7.49
N ALA A 246 10.80 10.59 -8.73
CA ALA A 246 12.14 10.81 -9.26
C ALA A 246 12.47 12.31 -9.23
N GLY A 247 13.62 12.64 -8.66
CA GLY A 247 14.03 14.02 -8.48
C GLY A 247 13.53 14.67 -7.21
N ALA A 248 12.43 14.18 -6.64
CA ALA A 248 11.89 14.71 -5.39
C ALA A 248 11.59 16.20 -5.49
N SER A 249 10.95 16.60 -6.57
CA SER A 249 10.62 18.00 -6.76
C SER A 249 9.58 18.42 -5.73
N PRO A 250 9.76 19.56 -5.05
CA PRO A 250 8.71 20.02 -4.12
C PRO A 250 7.35 20.16 -4.77
N THR A 251 7.31 20.54 -6.06
CA THR A 251 6.02 20.74 -6.72
C THR A 251 5.30 19.41 -6.92
N ASP A 252 6.02 18.36 -7.33
CA ASP A 252 5.38 17.07 -7.50
C ASP A 252 4.83 16.54 -6.18
N TYR A 253 5.58 16.70 -5.10
CA TYR A 253 5.13 16.18 -3.81
C TYR A 253 3.94 16.97 -3.29
N VAL A 254 3.95 18.29 -3.46
CA VAL A 254 2.84 19.11 -2.97
C VAL A 254 1.56 18.79 -3.75
N ASN A 255 1.70 18.49 -5.05
CA ASN A 255 0.52 18.14 -5.84
C ASN A 255 -0.15 16.88 -5.30
N VAL A 256 0.65 15.89 -4.90
CA VAL A 256 0.08 14.66 -4.35
C VAL A 256 -0.60 14.94 -3.01
N VAL A 257 0.00 15.82 -2.20
CA VAL A 257 -0.61 16.17 -0.92
C VAL A 257 -1.93 16.91 -1.14
N ASN A 258 -1.95 17.84 -2.08
CA ASN A 258 -3.18 18.58 -2.36
C ASN A 258 -4.28 17.65 -2.84
N ALA A 259 -3.92 16.65 -3.65
CA ALA A 259 -4.92 15.68 -4.09
C ALA A 259 -5.60 15.01 -2.91
N CYS A 260 -4.83 14.47 -1.97
N CYS A 260 -4.82 14.48 -1.97
CA CYS A 260 -5.44 13.84 -0.80
CA CYS A 260 -5.38 13.86 -0.79
C CYS A 260 -6.21 14.86 0.04
C CYS A 260 -6.21 14.85 0.02
N LEU A 261 -5.76 16.11 0.07
CA LEU A 261 -6.51 17.13 0.80
C LEU A 261 -7.84 17.43 0.13
N ASN A 262 -7.93 17.28 -1.20
CA ASN A 262 -9.15 17.61 -1.93
C ASN A 262 -10.12 16.45 -2.04
N VAL A 263 -9.72 15.24 -1.65
CA VAL A 263 -10.58 14.07 -1.72
C VAL A 263 -10.95 13.68 -0.29
N GLN A 264 -12.23 13.86 0.05
CA GLN A 264 -12.67 13.62 1.42
C GLN A 264 -12.46 12.17 1.84
N SER A 265 -12.57 11.23 0.89
CA SER A 265 -12.39 9.82 1.21
C SER A 265 -10.93 9.41 1.32
N CYS A 266 -10.00 10.29 0.95
N CYS A 266 -9.99 10.28 0.94
CA CYS A 266 -8.58 9.99 1.12
CA CYS A 266 -8.58 9.97 1.10
C CYS A 266 -8.20 10.08 2.59
C CYS A 266 -8.19 10.07 2.57
N VAL A 267 -7.74 8.96 3.15
CA VAL A 267 -7.46 8.91 4.58
C VAL A 267 -6.02 9.29 4.91
N GLY A 268 -5.08 9.11 3.98
CA GLY A 268 -3.71 9.43 4.30
C GLY A 268 -2.77 9.11 3.16
N ILE A 269 -1.49 9.32 3.41
CA ILE A 269 -0.42 9.11 2.44
C ILE A 269 0.67 8.28 3.10
N THR A 270 1.32 7.43 2.30
CA THR A 270 2.42 6.61 2.75
C THR A 270 3.55 6.72 1.73
N VAL A 271 4.78 6.93 2.23
CA VAL A 271 5.95 7.09 1.38
C VAL A 271 6.71 5.75 1.34
N PHE A 272 7.45 5.55 0.25
CA PHE A 272 8.10 4.28 0.00
C PHE A 272 9.30 4.02 0.91
N GLY A 273 9.82 5.05 1.58
CA GLY A 273 10.97 4.87 2.44
C GLY A 273 11.36 6.17 3.09
N VAL A 274 12.51 6.15 3.76
CA VAL A 274 13.00 7.30 4.52
C VAL A 274 14.08 8.04 3.73
N ALA A 275 15.29 7.48 3.70
CA ALA A 275 16.45 8.16 3.15
C ALA A 275 16.74 7.70 1.74
N ASP A 276 17.13 8.65 0.89
CA ASP A 276 17.41 8.37 -0.52
C ASP A 276 18.30 7.15 -0.75
N PRO A 277 19.49 7.05 -0.14
CA PRO A 277 20.39 5.92 -0.48
C PRO A 277 19.79 4.55 -0.21
N ASP A 278 18.68 4.46 0.51
CA ASP A 278 18.06 3.18 0.86
C ASP A 278 16.87 2.84 -0.05
N SER A 279 16.74 3.53 -1.18
CA SER A 279 15.66 3.27 -2.13
C SER A 279 16.20 2.45 -3.31
N TRP A 280 15.32 1.64 -3.88
N TRP A 280 15.32 1.65 -3.90
CA TRP A 280 15.69 0.84 -5.05
CA TRP A 280 15.73 0.83 -5.03
C TRP A 280 16.20 1.71 -6.18
C TRP A 280 16.15 1.69 -6.22
N ARG A 281 15.66 2.92 -6.32
CA ARG A 281 16.15 3.86 -7.32
C ARG A 281 16.74 5.07 -6.61
N ALA A 282 17.68 4.81 -5.69
CA ALA A 282 18.25 5.87 -4.88
C ALA A 282 18.97 6.91 -5.73
N SER A 283 19.50 6.51 -6.88
CA SER A 283 20.22 7.45 -7.74
C SER A 283 19.33 8.56 -8.27
N THR A 284 18.01 8.45 -8.12
CA THR A 284 17.09 9.52 -8.46
C THR A 284 16.74 10.41 -7.27
N THR A 285 17.27 10.10 -6.09
CA THR A 285 16.97 10.84 -4.87
C THR A 285 15.47 11.10 -4.74
N PRO A 286 14.65 10.05 -4.66
CA PRO A 286 13.20 10.20 -4.79
C PRO A 286 12.41 10.32 -3.48
N LEU A 287 13.07 10.34 -2.33
CA LEU A 287 12.40 10.37 -1.04
C LEU A 287 12.57 11.74 -0.39
N LEU A 288 12.16 11.83 0.87
CA LEU A 288 12.11 13.11 1.58
C LEU A 288 13.30 13.34 2.49
N PHE A 289 14.25 12.41 2.56
CA PHE A 289 15.45 12.58 3.38
C PHE A 289 16.66 12.17 2.55
N ASP A 290 17.75 12.95 2.69
CA ASP A 290 18.94 12.75 1.88
C ASP A 290 19.87 11.74 2.54
N GLY A 291 21.07 11.57 1.98
CA GLY A 291 22.03 10.61 2.50
C GLY A 291 22.55 10.93 3.88
N ASN A 292 22.35 12.15 4.36
CA ASN A 292 22.70 12.53 5.72
C ASN A 292 21.52 12.37 6.69
N PHE A 293 20.40 11.81 6.22
CA PHE A 293 19.21 11.64 7.03
C PHE A 293 18.64 12.99 7.49
N ASN A 294 18.81 14.02 6.67
CA ASN A 294 18.28 15.34 6.95
C ASN A 294 17.11 15.66 6.03
N PRO A 295 16.21 16.56 6.44
CA PRO A 295 15.05 16.88 5.59
C PRO A 295 15.47 17.52 4.27
N LYS A 296 14.72 17.21 3.22
CA LYS A 296 14.94 17.74 1.89
C LYS A 296 13.96 18.86 1.58
N PRO A 297 14.23 19.66 0.55
CA PRO A 297 13.29 20.74 0.19
C PRO A 297 11.85 20.27 0.02
N ALA A 298 11.65 19.07 -0.51
CA ALA A 298 10.28 18.56 -0.67
C ALA A 298 9.61 18.37 0.68
N TYR A 299 10.35 17.86 1.67
CA TYR A 299 9.77 17.69 3.00
C TYR A 299 9.30 19.03 3.56
N ASN A 300 10.16 20.05 3.48
CA ASN A 300 9.79 21.36 3.99
C ASN A 300 8.64 21.97 3.20
N ALA A 301 8.53 21.64 1.91
CA ALA A 301 7.41 22.14 1.12
C ALA A 301 6.10 21.51 1.58
N ILE A 302 6.13 20.22 1.93
CA ILE A 302 4.95 19.58 2.50
C ILE A 302 4.57 20.24 3.83
N VAL A 303 5.58 20.54 4.66
CA VAL A 303 5.31 21.22 5.92
C VAL A 303 4.59 22.53 5.66
N GLN A 304 5.09 23.32 4.71
CA GLN A 304 4.47 24.61 4.42
C GLN A 304 3.05 24.44 3.89
N ASP A 305 2.82 23.40 3.07
CA ASP A 305 1.51 23.17 2.48
C ASP A 305 0.49 22.70 3.52
N LEU A 306 0.93 22.15 4.66
CA LEU A 306 0.03 21.62 5.66
C LEU A 306 -0.17 22.54 6.85
N GLN A 307 0.60 23.62 6.97
CA GLN A 307 0.44 24.52 8.09
C GLN A 307 -0.88 25.28 7.97
N GLN A 308 -1.42 25.67 9.14
CA GLN A 308 -2.75 26.27 9.26
C GLN A 308 -3.22 27.04 8.03
S SO4 B . -0.39 -4.66 -20.80
O1 SO4 B . 0.45 -3.66 -21.44
O2 SO4 B . -1.79 -4.34 -21.02
O3 SO4 B . -0.12 -4.67 -19.36
O4 SO4 B . -0.09 -5.98 -21.35
S SO4 C . 9.87 -11.25 -7.24
O1 SO4 C . 8.56 -10.67 -7.56
O2 SO4 C . 10.92 -10.32 -7.64
O3 SO4 C . 9.95 -11.50 -5.80
O4 SO4 C . 10.04 -12.51 -7.96
S SO4 D . -1.42 11.13 17.91
O1 SO4 D . -2.03 11.65 19.13
O2 SO4 D . -1.03 12.25 17.05
O3 SO4 D . -2.39 10.29 17.20
O4 SO4 D . -0.25 10.34 18.25
S SO4 E . -3.27 14.20 -17.31
O1 SO4 E . -4.48 13.94 -18.08
O2 SO4 E . -3.16 15.62 -17.02
O3 SO4 E . -3.31 13.44 -16.06
O4 SO4 E . -2.11 13.78 -18.09
#